data_3MVS
#
_entry.id   3MVS
#
_cell.length_a   38.375
_cell.length_b   64.208
_cell.length_c   47.859
_cell.angle_alpha   90.00
_cell.angle_beta   110.89
_cell.angle_gamma   90.00
#
_symmetry.space_group_name_H-M   'P 1 21 1'
#
loop_
_entity.id
_entity.type
_entity.pdbx_description
1 polymer Cadherin-23
2 non-polymer 'CALCIUM ION'
3 non-polymer 1,2-ETHANEDIOL
4 water water
#
_entity_poly.entity_id   1
_entity_poly.type   'polypeptide(L)'
_entity_poly.pdbx_seq_one_letter_code
;QVNRLPFFTNHFFDTYLLISEDTPVGSSVTQLLARDMDNDPLVFGVSGEEASRFFAVEPDTGVVWLRQPLDRETKSEFTV
EFSVSDHQGVITRKVNIQVGDVNDNAPTFHNQPYSVRIPENTPVGTPIFIVNATDPDLGAGGSVLYSFQPPSPFFAIDSA
RGIVTVIQELDYEVTQAYQLTVNATDQDKTRPLSTLANLAIIITDMQDMD
;
_entity_poly.pdbx_strand_id   A
#
loop_
_chem_comp.id
_chem_comp.type
_chem_comp.name
_chem_comp.formula
CA non-polymer 'CALCIUM ION' 'Ca 2'
EDO non-polymer 1,2-ETHANEDIOL 'C2 H6 O2'
#
# COMPACT_ATOMS: atom_id res chain seq x y z
N GLN A 1 12.75 3.49 -52.94
CA GLN A 1 12.52 4.15 -51.63
C GLN A 1 13.46 3.60 -50.57
N VAL A 2 14.32 4.47 -50.06
CA VAL A 2 15.21 4.05 -48.99
CA VAL A 2 15.23 4.21 -48.94
C VAL A 2 14.43 3.91 -47.67
N ASN A 3 15.04 3.17 -46.76
CA ASN A 3 14.41 2.85 -45.51
C ASN A 3 13.97 4.05 -44.69
N ARG A 4 12.78 3.94 -44.11
CA ARG A 4 12.35 4.81 -43.01
C ARG A 4 12.28 3.98 -41.75
N LEU A 5 12.64 4.59 -40.64
CA LEU A 5 12.51 3.90 -39.37
C LEU A 5 11.06 3.80 -38.92
N PRO A 6 10.76 2.82 -38.08
CA PRO A 6 9.41 2.75 -37.52
C PRO A 6 9.15 3.89 -36.55
N PHE A 7 7.87 4.15 -36.27
CA PHE A 7 7.48 5.11 -35.25
C PHE A 7 6.41 4.49 -34.35
N PHE A 8 6.44 4.85 -33.07
CA PHE A 8 5.42 4.41 -32.14
C PHE A 8 4.14 5.21 -32.30
N THR A 9 3.02 4.60 -31.97
CA THR A 9 1.75 5.28 -32.09
C THR A 9 0.99 5.43 -30.77
N ASN A 10 1.49 4.85 -29.68
CA ASN A 10 0.75 4.96 -28.41
C ASN A 10 0.70 6.38 -27.85
N HIS A 11 -0.47 6.77 -27.39
CA HIS A 11 -0.66 8.08 -26.80
C HIS A 11 0.21 8.31 -25.57
N PHE A 12 0.50 7.25 -24.81
CA PHE A 12 1.25 7.41 -23.58
C PHE A 12 2.69 7.89 -23.80
N PHE A 13 3.20 7.81 -25.03
CA PHE A 13 4.52 8.43 -25.31
C PHE A 13 4.49 9.94 -25.24
N ASP A 14 3.29 10.54 -25.20
CA ASP A 14 3.15 12.00 -25.10
C ASP A 14 2.79 12.46 -23.69
N THR A 15 2.13 11.58 -22.93
CA THR A 15 1.57 11.94 -21.62
C THR A 15 2.31 11.13 -20.55
N TYR A 16 1.74 10.01 -20.16
CA TYR A 16 2.31 9.11 -19.16
C TYR A 16 1.54 7.81 -19.24
N LEU A 17 2.10 6.78 -18.61
CA LEU A 17 1.45 5.49 -18.47
C LEU A 17 1.23 5.22 -16.98
N LEU A 18 -0.05 5.13 -16.57
CA LEU A 18 -0.39 4.86 -15.18
C LEU A 18 -0.60 3.35 -14.99
N ILE A 19 0.13 2.75 -14.07
CA ILE A 19 0.03 1.32 -13.80
C ILE A 19 -0.28 1.12 -12.32
N SER A 20 -1.38 0.46 -12.01
CA SER A 20 -1.71 0.21 -10.63
C SER A 20 -0.69 -0.70 -9.97
N GLU A 21 -0.35 -0.38 -8.73
CA GLU A 21 0.60 -1.23 -8.03
C GLU A 21 0.07 -2.64 -7.75
N ASP A 22 -1.23 -2.85 -7.83
CA ASP A 22 -1.74 -4.22 -7.65
C ASP A 22 -1.70 -5.09 -8.91
N THR A 23 -1.08 -4.58 -9.97
CA THR A 23 -0.90 -5.37 -11.19
C THR A 23 -0.07 -6.60 -10.86
N PRO A 24 -0.61 -7.80 -11.12
CA PRO A 24 0.15 -9.00 -10.80
C PRO A 24 1.39 -9.18 -11.68
N VAL A 25 2.48 -9.66 -11.09
CA VAL A 25 3.64 -10.07 -11.88
C VAL A 25 3.19 -11.11 -12.90
N GLY A 26 3.71 -10.98 -14.12
CA GLY A 26 3.32 -11.85 -15.20
C GLY A 26 2.18 -11.27 -16.03
N SER A 27 1.51 -10.23 -15.53
CA SER A 27 0.42 -9.65 -16.31
CA SER A 27 0.41 -9.54 -16.25
C SER A 27 0.93 -8.64 -17.33
N SER A 28 0.19 -8.51 -18.42
CA SER A 28 0.52 -7.49 -19.40
C SER A 28 0.05 -6.13 -18.90
N VAL A 29 0.84 -5.11 -19.20
CA VAL A 29 0.60 -3.73 -18.81
CA VAL A 29 0.47 -3.75 -18.80
C VAL A 29 0.03 -2.93 -20.01
N THR A 30 0.51 -3.24 -21.21
CA THR A 30 0.08 -2.55 -22.41
C THR A 30 0.66 -3.29 -23.59
N GLN A 31 0.40 -2.80 -24.79
CA GLN A 31 1.10 -3.26 -25.97
C GLN A 31 1.67 -2.03 -26.69
N LEU A 32 2.98 -2.04 -26.91
CA LEU A 32 3.62 -1.04 -27.78
C LEU A 32 3.12 -1.22 -29.19
N LEU A 33 2.79 -0.12 -29.84
CA LEU A 33 2.21 -0.15 -31.19
C LEU A 33 3.07 0.73 -32.07
N ALA A 34 3.38 0.23 -33.27
CA ALA A 34 4.25 0.99 -34.16
C ALA A 34 3.87 0.75 -35.61
N ARG A 35 4.27 1.70 -36.45
CA ARG A 35 4.05 1.63 -37.89
C ARG A 35 5.40 1.84 -38.58
N ASP A 36 5.66 1.05 -39.62
CA ASP A 36 6.83 1.21 -40.46
C ASP A 36 6.32 1.35 -41.89
N MET A 37 6.63 2.47 -42.50
CA MET A 37 6.08 2.80 -43.82
C MET A 37 6.62 1.92 -44.95
N ASP A 38 7.70 1.19 -44.70
CA ASP A 38 8.18 0.19 -45.66
C ASP A 38 7.50 -1.17 -45.45
N ASN A 39 6.63 -1.26 -44.44
CA ASN A 39 5.99 -2.53 -44.06
C ASN A 39 6.98 -3.59 -43.56
N ASP A 40 8.09 -3.13 -42.98
CA ASP A 40 9.09 -4.03 -42.46
C ASP A 40 8.57 -4.76 -41.23
N PRO A 41 9.00 -6.02 -41.04
CA PRO A 41 8.81 -6.68 -39.75
C PRO A 41 9.58 -5.95 -38.64
N LEU A 42 8.97 -5.92 -37.46
CA LEU A 42 9.47 -5.11 -36.36
C LEU A 42 9.88 -5.93 -35.17
N VAL A 43 10.81 -5.39 -34.38
CA VAL A 43 11.23 -5.99 -33.12
C VAL A 43 11.09 -4.92 -32.05
N PHE A 44 10.42 -5.25 -30.96
CA PHE A 44 10.18 -4.30 -29.85
C PHE A 44 11.06 -4.66 -28.67
N GLY A 45 11.45 -3.65 -27.90
CA GLY A 45 12.28 -3.90 -26.74
C GLY A 45 12.18 -2.82 -25.68
N VAL A 46 12.99 -2.99 -24.64
CA VAL A 46 13.05 -2.03 -23.56
C VAL A 46 14.51 -1.70 -23.33
N SER A 47 14.79 -0.41 -23.14
CA SER A 47 16.18 0.07 -23.13
C SER A 47 16.42 0.68 -21.78
N GLY A 48 17.42 0.14 -21.08
CA GLY A 48 17.82 0.67 -19.76
C GLY A 48 17.71 -0.37 -18.67
N GLU A 49 18.65 -0.30 -17.72
CA GLU A 49 18.84 -1.33 -16.70
C GLU A 49 17.66 -1.50 -15.73
N GLU A 50 17.26 -0.39 -15.11
CA GLU A 50 16.18 -0.40 -14.14
C GLU A 50 14.85 -0.78 -14.80
N ALA A 51 14.60 -0.18 -15.96
CA ALA A 51 13.39 -0.45 -16.75
C ALA A 51 13.25 -1.91 -17.10
N SER A 52 14.37 -2.53 -17.45
CA SER A 52 14.38 -3.94 -17.83
C SER A 52 14.19 -4.87 -16.63
N ARG A 53 14.49 -4.37 -15.44
CA ARG A 53 14.24 -5.10 -14.21
C ARG A 53 12.73 -5.22 -13.94
N PHE A 54 11.97 -4.20 -14.31
CA PHE A 54 10.52 -4.24 -14.04
C PHE A 54 9.66 -4.69 -15.20
N PHE A 55 10.12 -4.44 -16.44
CA PHE A 55 9.33 -4.74 -17.62
C PHE A 55 10.06 -5.63 -18.56
N ALA A 56 9.31 -6.58 -19.10
CA ALA A 56 9.74 -7.39 -20.23
C ALA A 56 8.89 -7.01 -21.43
N VAL A 57 9.48 -7.10 -22.61
CA VAL A 57 8.74 -6.79 -23.82
C VAL A 57 8.84 -7.98 -24.77
N GLU A 58 7.70 -8.48 -25.22
CA GLU A 58 7.69 -9.54 -26.21
C GLU A 58 8.24 -8.97 -27.51
N PRO A 59 9.34 -9.54 -28.03
CA PRO A 59 9.97 -8.85 -29.17
C PRO A 59 9.13 -8.79 -30.44
N ASP A 60 8.35 -9.82 -30.68
CA ASP A 60 7.54 -9.95 -31.88
CA ASP A 60 7.57 -9.89 -31.91
C ASP A 60 6.22 -9.17 -31.88
N THR A 61 5.80 -8.72 -30.69
CA THR A 61 4.50 -8.06 -30.57
CA THR A 61 4.50 -8.12 -30.54
C THR A 61 4.51 -6.73 -29.88
N GLY A 62 5.48 -6.47 -29.01
CA GLY A 62 5.44 -5.24 -28.23
C GLY A 62 4.59 -5.33 -26.97
N VAL A 63 4.03 -6.50 -26.65
CA VAL A 63 3.33 -6.63 -25.37
C VAL A 63 4.34 -6.46 -24.25
N VAL A 64 4.00 -5.61 -23.28
CA VAL A 64 4.84 -5.28 -22.15
C VAL A 64 4.25 -6.00 -20.94
N TRP A 65 5.09 -6.77 -20.25
CA TRP A 65 4.59 -7.39 -19.06
C TRP A 65 5.48 -7.16 -17.88
N LEU A 66 4.85 -7.31 -16.72
CA LEU A 66 5.47 -6.97 -15.47
C LEU A 66 6.31 -8.12 -14.92
N ARG A 67 7.59 -7.87 -14.67
CA ARG A 67 8.53 -8.90 -14.17
C ARG A 67 8.69 -8.92 -12.66
N GLN A 68 8.47 -7.78 -12.01
CA GLN A 68 8.70 -7.59 -10.58
C GLN A 68 7.59 -6.68 -10.07
N PRO A 69 7.17 -6.83 -8.80
CA PRO A 69 6.07 -5.99 -8.30
C PRO A 69 6.39 -4.52 -8.32
N LEU A 70 5.39 -3.72 -8.63
CA LEU A 70 5.48 -2.28 -8.42
C LEU A 70 5.03 -2.01 -7.00
N ASP A 71 5.55 -0.95 -6.40
CA ASP A 71 5.15 -0.62 -5.04
C ASP A 71 5.11 0.88 -4.93
N ARG A 72 3.91 1.43 -4.87
CA ARG A 72 3.71 2.87 -4.76
C ARG A 72 4.41 3.45 -3.55
N GLU A 73 4.46 2.65 -2.48
CA GLU A 73 5.10 3.07 -1.21
C GLU A 73 6.62 3.13 -1.27
N THR A 74 7.22 2.58 -2.32
CA THR A 74 8.68 2.60 -2.52
C THR A 74 9.06 3.61 -3.60
N LYS A 75 8.39 3.53 -4.75
CA LYS A 75 8.70 4.39 -5.87
C LYS A 75 7.43 4.57 -6.69
N SER A 76 6.97 5.80 -6.81
CA SER A 76 5.68 6.06 -7.45
C SER A 76 5.76 6.68 -8.83
N GLU A 77 6.96 7.08 -9.27
CA GLU A 77 7.12 7.60 -10.61
C GLU A 77 8.52 7.31 -11.08
N PHE A 78 8.66 6.97 -12.35
CA PHE A 78 9.98 6.78 -12.96
C PHE A 78 9.85 6.80 -14.47
N THR A 79 10.97 6.81 -15.15
CA THR A 79 10.99 6.86 -16.60
CA THR A 79 10.95 6.86 -16.61
C THR A 79 11.54 5.56 -17.15
N VAL A 80 11.03 5.12 -18.29
CA VAL A 80 11.61 4.00 -18.99
C VAL A 80 11.78 4.43 -20.46
N GLU A 81 12.54 3.65 -21.20
CA GLU A 81 12.62 3.82 -22.66
C GLU A 81 12.20 2.52 -23.32
N PHE A 82 11.36 2.65 -24.33
CA PHE A 82 11.00 1.52 -25.17
C PHE A 82 11.61 1.68 -26.54
N SER A 83 11.80 0.56 -27.23
CA SER A 83 12.44 0.55 -28.53
C SER A 83 11.62 -0.17 -29.58
N VAL A 84 11.82 0.25 -30.82
CA VAL A 84 11.30 -0.50 -31.94
C VAL A 84 12.29 -0.42 -33.10
N SER A 85 12.49 -1.56 -33.75
CA SER A 85 13.44 -1.69 -34.84
C SER A 85 12.80 -2.39 -36.02
N ASP A 86 13.25 -2.02 -37.22
CA ASP A 86 12.86 -2.71 -38.45
C ASP A 86 13.95 -3.63 -38.99
N HIS A 87 14.86 -4.06 -38.11
CA HIS A 87 16.04 -4.90 -38.46
C HIS A 87 17.16 -4.14 -39.17
N GLN A 88 16.94 -2.87 -39.44
CA GLN A 88 17.95 -2.00 -40.05
C GLN A 88 18.45 -0.96 -39.07
N GLY A 89 17.51 -0.22 -38.49
CA GLY A 89 17.80 0.73 -37.41
C GLY A 89 16.84 0.54 -36.27
N VAL A 90 16.97 1.40 -35.28
CA VAL A 90 16.20 1.30 -34.06
C VAL A 90 15.97 2.68 -33.49
N ILE A 91 14.77 2.90 -32.98
CA ILE A 91 14.47 4.11 -32.22
C ILE A 91 14.19 3.74 -30.77
N THR A 92 14.52 4.67 -29.87
CA THR A 92 14.13 4.53 -28.46
C THR A 92 13.38 5.78 -28.03
N ARG A 93 12.33 5.63 -27.24
CA ARG A 93 11.50 6.75 -26.81
C ARG A 93 11.11 6.58 -25.35
N LYS A 94 11.18 7.68 -24.62
CA LYS A 94 10.87 7.69 -23.19
C LYS A 94 9.39 7.72 -22.88
N VAL A 95 9.04 7.01 -21.81
CA VAL A 95 7.69 7.01 -21.24
CA VAL A 95 7.69 7.12 -21.25
CA VAL A 95 7.70 7.09 -21.25
C VAL A 95 7.79 7.36 -19.75
N ASN A 96 6.95 8.28 -19.30
CA ASN A 96 6.82 8.57 -17.88
C ASN A 96 5.85 7.53 -17.31
N ILE A 97 6.30 6.81 -16.28
CA ILE A 97 5.46 5.85 -15.59
C ILE A 97 5.03 6.42 -14.25
N GLN A 98 3.73 6.38 -13.98
CA GLN A 98 3.27 6.61 -12.63
C GLN A 98 2.67 5.32 -12.08
N VAL A 99 3.02 5.01 -10.83
CA VAL A 99 2.46 3.85 -10.15
C VAL A 99 1.26 4.29 -9.33
N GLY A 100 0.11 3.66 -9.60
CA GLY A 100 -1.13 4.01 -8.91
C GLY A 100 -1.21 3.32 -7.57
N ASP A 101 -1.69 4.05 -6.55
CA ASP A 101 -1.82 3.50 -5.22
C ASP A 101 -3.06 2.64 -5.12
N VAL A 102 -2.94 1.54 -4.38
CA VAL A 102 -4.12 0.84 -3.86
C VAL A 102 -3.95 0.69 -2.36
N ASN A 103 -5.03 0.31 -1.67
CA ASN A 103 -4.92 0.06 -0.25
C ASN A 103 -4.36 -1.33 -0.04
N ASP A 104 -3.06 -1.43 0.18
CA ASP A 104 -2.39 -2.72 0.31
C ASP A 104 -1.55 -2.87 1.57
N ASN A 105 -1.68 -1.90 2.48
CA ASN A 105 -1.05 -1.98 3.79
C ASN A 105 -2.11 -1.93 4.87
N ALA A 106 -1.99 -2.80 5.86
CA ALA A 106 -2.76 -2.65 7.09
C ALA A 106 -2.00 -1.72 8.03
N PRO A 107 -2.66 -1.19 9.07
CA PRO A 107 -1.96 -0.32 10.02
C PRO A 107 -0.85 -1.04 10.80
N THR A 108 0.18 -0.31 11.18
CA THR A 108 1.25 -0.83 12.03
C THR A 108 1.22 -0.07 13.34
N PHE A 109 1.08 -0.82 14.44
CA PHE A 109 1.19 -0.24 15.78
C PHE A 109 2.64 0.03 16.14
N HIS A 110 2.87 1.08 16.91
CA HIS A 110 4.21 1.50 17.32
C HIS A 110 4.36 1.44 18.84
N ASN A 111 5.57 1.13 19.27
CA ASN A 111 5.94 1.10 20.69
C ASN A 111 5.29 -0.04 21.47
N GLN A 112 4.98 -1.14 20.80
CA GLN A 112 4.60 -2.36 21.49
C GLN A 112 5.83 -2.98 22.18
N PRO A 113 5.62 -3.80 23.23
CA PRO A 113 4.31 -4.19 23.78
C PRO A 113 3.64 -3.09 24.61
N TYR A 114 2.31 -3.15 24.63
CA TYR A 114 1.50 -2.21 25.38
C TYR A 114 1.04 -2.78 26.70
N SER A 115 1.41 -2.10 27.77
CA SER A 115 0.95 -2.48 29.11
CA SER A 115 1.01 -2.50 29.11
C SER A 115 0.93 -1.28 30.03
N VAL A 116 0.04 -1.31 31.00
CA VAL A 116 -0.08 -0.23 31.97
C VAL A 116 -0.62 -0.82 33.27
N ARG A 117 -0.10 -0.29 34.39
CA ARG A 117 -0.61 -0.61 35.71
C ARG A 117 -1.50 0.53 36.20
N ILE A 118 -2.67 0.20 36.70
CA ILE A 118 -3.56 1.21 37.30
C ILE A 118 -4.20 0.66 38.58
N PRO A 119 -4.45 1.54 39.55
CA PRO A 119 -5.13 1.11 40.77
C PRO A 119 -6.59 0.70 40.52
N GLU A 120 -7.07 -0.26 41.31
CA GLU A 120 -8.49 -0.64 41.21
C GLU A 120 -9.43 0.51 41.56
N ASN A 121 -8.95 1.54 42.27
CA ASN A 121 -9.80 2.70 42.57
C ASN A 121 -9.59 3.88 41.61
N THR A 122 -9.01 3.62 40.43
CA THR A 122 -8.90 4.66 39.41
C THR A 122 -10.30 5.17 39.07
N PRO A 123 -10.54 6.48 39.17
CA PRO A 123 -11.86 7.00 38.90
C PRO A 123 -12.32 6.82 37.46
N VAL A 124 -13.59 6.47 37.29
CA VAL A 124 -14.16 6.47 35.98
C VAL A 124 -13.95 7.83 35.33
N GLY A 125 -13.56 7.80 34.06
CA GLY A 125 -13.24 9.00 33.30
C GLY A 125 -11.75 9.19 33.10
N THR A 126 -10.93 8.50 33.87
CA THR A 126 -9.50 8.74 33.82
C THR A 126 -8.90 8.16 32.55
N PRO A 127 -8.13 8.99 31.80
CA PRO A 127 -7.35 8.46 30.66
C PRO A 127 -6.12 7.72 31.18
N ILE A 128 -5.81 6.57 30.58
CA ILE A 128 -4.78 5.67 31.11
C ILE A 128 -3.72 5.22 30.10
N PHE A 129 -3.98 5.39 28.80
CA PHE A 129 -3.05 4.91 27.79
C PHE A 129 -3.36 5.57 26.48
N ILE A 130 -2.37 5.62 25.59
CA ILE A 130 -2.58 6.08 24.22
C ILE A 130 -1.91 5.08 23.30
N VAL A 131 -2.70 4.42 22.45
CA VAL A 131 -2.11 3.54 21.44
C VAL A 131 -1.74 4.36 20.23
N ASN A 132 -0.92 3.81 19.35
CA ASN A 132 -0.50 4.52 18.17
C ASN A 132 -0.24 3.59 16.99
N ALA A 133 -0.94 3.82 15.88
CA ALA A 133 -0.65 3.11 14.63
C ALA A 133 -0.59 4.10 13.48
N THR A 134 0.10 3.72 12.41
CA THR A 134 0.12 4.51 11.18
C THR A 134 -0.07 3.57 9.99
N ASP A 135 -0.35 4.16 8.84
CA ASP A 135 -0.66 3.39 7.65
C ASP A 135 -0.22 4.23 6.44
N PRO A 136 0.62 3.67 5.55
CA PRO A 136 1.26 4.50 4.50
C PRO A 136 0.44 4.65 3.23
N ASP A 137 -0.70 3.97 3.10
CA ASP A 137 -1.51 4.12 1.90
C ASP A 137 -2.07 5.51 1.81
N LEU A 138 -2.43 5.93 0.61
CA LEU A 138 -2.90 7.29 0.41
C LEU A 138 -4.37 7.42 0.76
N GLY A 139 -4.78 8.63 1.11
CA GLY A 139 -6.19 8.94 1.32
C GLY A 139 -6.82 8.14 2.43
N ALA A 140 -8.05 7.70 2.22
CA ALA A 140 -8.81 7.00 3.25
C ALA A 140 -8.14 5.70 3.67
N GLY A 141 -7.40 5.08 2.75
CA GLY A 141 -6.65 3.89 3.08
C GLY A 141 -5.51 4.09 4.05
N GLY A 142 -5.13 5.35 4.32
CA GLY A 142 -4.09 5.66 5.30
C GLY A 142 -4.64 6.21 6.60
N SER A 143 -5.97 6.34 6.67
CA SER A 143 -6.64 6.85 7.86
CA SER A 143 -6.65 6.86 7.86
C SER A 143 -7.07 5.70 8.76
N VAL A 144 -6.69 5.78 10.02
CA VAL A 144 -6.86 4.66 10.97
C VAL A 144 -7.92 4.99 12.02
N LEU A 145 -8.79 4.01 12.28
CA LEU A 145 -9.71 4.08 13.41
C LEU A 145 -9.44 2.94 14.38
N TYR A 146 -9.51 3.27 15.66
CA TYR A 146 -9.25 2.33 16.74
C TYR A 146 -10.54 1.90 17.43
N SER A 147 -10.56 0.66 17.90
CA SER A 147 -11.65 0.17 18.74
C SER A 147 -11.15 -1.03 19.55
N PHE A 148 -11.82 -1.32 20.65
CA PHE A 148 -11.60 -2.59 21.33
C PHE A 148 -12.49 -3.65 20.69
N GLN A 149 -11.96 -4.87 20.61
CA GLN A 149 -12.63 -5.98 19.98
C GLN A 149 -12.71 -7.19 20.93
N PRO A 150 -13.91 -7.56 21.38
CA PRO A 150 -15.18 -6.86 21.25
C PRO A 150 -15.13 -5.62 22.14
N PRO A 151 -16.18 -4.78 22.07
CA PRO A 151 -16.24 -3.62 22.96
C PRO A 151 -16.09 -4.04 24.43
N SER A 152 -15.35 -3.25 25.20
CA SER A 152 -15.11 -3.56 26.60
C SER A 152 -16.10 -2.79 27.46
N PRO A 153 -16.63 -3.43 28.52
CA PRO A 153 -17.47 -2.66 29.44
C PRO A 153 -16.68 -1.90 30.48
N PHE A 154 -15.35 -2.03 30.46
CA PHE A 154 -14.48 -1.33 31.44
C PHE A 154 -13.65 -0.21 30.86
N PHE A 155 -13.37 -0.25 29.56
CA PHE A 155 -12.46 0.72 28.93
C PHE A 155 -13.01 1.17 27.60
N ALA A 156 -12.92 2.46 27.35
CA ALA A 156 -13.24 3.08 26.08
C ALA A 156 -11.95 3.43 25.35
N ILE A 157 -12.03 3.54 24.02
CA ILE A 157 -10.89 4.05 23.27
C ILE A 157 -11.40 5.00 22.21
N ASP A 158 -10.78 6.17 22.16
CA ASP A 158 -11.17 7.18 21.17
C ASP A 158 -10.77 6.68 19.78
N SER A 159 -11.74 6.60 18.88
CA SER A 159 -11.44 5.92 17.61
C SER A 159 -10.45 6.69 16.75
N ALA A 160 -10.35 8.01 16.93
CA ALA A 160 -9.37 8.83 16.20
C ALA A 160 -8.04 9.00 16.94
N ARG A 161 -8.12 9.26 18.24
CA ARG A 161 -6.95 9.65 19.02
C ARG A 161 -6.25 8.51 19.71
N GLY A 162 -6.92 7.36 19.89
CA GLY A 162 -6.27 6.22 20.52
C GLY A 162 -6.18 6.26 22.03
N ILE A 163 -6.86 7.24 22.65
CA ILE A 163 -6.80 7.45 24.10
C ILE A 163 -7.79 6.50 24.77
N VAL A 164 -7.26 5.74 25.73
CA VAL A 164 -8.03 4.75 26.49
C VAL A 164 -8.44 5.37 27.83
N THR A 165 -9.74 5.22 28.17
CA THR A 165 -10.30 5.72 29.41
C THR A 165 -10.98 4.60 30.18
N VAL A 166 -11.00 4.74 31.51
CA VAL A 166 -11.80 3.84 32.38
C VAL A 166 -13.25 4.27 32.36
N ILE A 167 -14.15 3.31 32.14
CA ILE A 167 -15.58 3.62 32.02
C ILE A 167 -16.49 2.85 32.98
N GLN A 168 -15.91 1.99 33.81
CA GLN A 168 -16.68 1.30 34.85
C GLN A 168 -15.74 1.11 36.01
N GLU A 169 -16.26 1.19 37.22
CA GLU A 169 -15.44 0.94 38.39
C GLU A 169 -14.75 -0.43 38.32
N LEU A 170 -13.45 -0.43 38.65
CA LEU A 170 -12.65 -1.65 38.63
C LEU A 170 -12.69 -2.34 39.99
N ASP A 171 -12.30 -3.60 40.02
CA ASP A 171 -12.32 -4.35 41.27
C ASP A 171 -11.31 -5.48 41.17
N TYR A 172 -10.16 -5.32 41.84
CA TYR A 172 -9.10 -6.28 41.82
C TYR A 172 -9.60 -7.65 42.28
N GLU A 173 -10.52 -7.66 43.24
CA GLU A 173 -11.07 -8.89 43.79
C GLU A 173 -11.87 -9.71 42.76
N VAL A 174 -12.24 -9.07 41.66
CA VAL A 174 -12.90 -9.77 40.55
C VAL A 174 -11.90 -10.04 39.42
N THR A 175 -11.22 -9.00 38.96
CA THR A 175 -10.29 -9.12 37.85
C THR A 175 -9.01 -8.39 38.18
N GLN A 176 -7.88 -9.11 38.09
CA GLN A 176 -6.57 -8.57 38.45
C GLN A 176 -5.80 -8.06 37.25
N ALA A 177 -6.22 -8.43 36.05
CA ALA A 177 -5.57 -8.00 34.81
C ALA A 177 -6.54 -8.18 33.68
N TYR A 178 -6.47 -7.23 32.73
CA TYR A 178 -7.23 -7.31 31.47
C TYR A 178 -6.26 -7.46 30.32
N GLN A 179 -6.62 -8.27 29.34
CA GLN A 179 -5.86 -8.37 28.10
C GLN A 179 -6.83 -7.96 26.99
N LEU A 180 -6.70 -6.72 26.54
CA LEU A 180 -7.67 -6.18 25.57
CA LEU A 180 -7.64 -6.12 25.59
C LEU A 180 -7.10 -6.20 24.17
N THR A 181 -7.94 -6.65 23.24
CA THR A 181 -7.57 -6.61 21.83
C THR A 181 -7.98 -5.25 21.25
N VAL A 182 -6.99 -4.51 20.74
CA VAL A 182 -7.21 -3.28 20.00
C VAL A 182 -7.21 -3.60 18.51
N ASN A 183 -8.24 -3.14 17.82
CA ASN A 183 -8.34 -3.23 16.38
C ASN A 183 -8.04 -1.85 15.79
N ALA A 184 -7.08 -1.78 14.88
CA ALA A 184 -6.86 -0.61 14.02
C ALA A 184 -7.27 -1.01 12.62
N THR A 185 -8.22 -0.28 12.06
CA THR A 185 -8.71 -0.56 10.71
C THR A 185 -8.62 0.74 9.90
N ASP A 186 -8.11 0.64 8.68
CA ASP A 186 -8.10 1.80 7.82
C ASP A 186 -9.47 2.04 7.20
N GLN A 187 -9.61 3.15 6.49
CA GLN A 187 -10.93 3.62 6.07
CA GLN A 187 -10.94 3.62 6.07
C GLN A 187 -11.16 3.52 4.57
N ASP A 188 -10.38 2.69 3.89
CA ASP A 188 -10.62 2.49 2.46
C ASP A 188 -12.06 2.00 2.24
N LYS A 189 -12.74 2.59 1.26
CA LYS A 189 -14.17 2.31 1.10
C LYS A 189 -14.46 0.94 0.51
N THR A 190 -13.52 0.43 -0.29
CA THR A 190 -13.69 -0.81 -1.06
CA THR A 190 -13.75 -0.82 -1.00
C THR A 190 -13.08 -2.03 -0.36
N ARG A 191 -11.85 -1.85 0.16
CA ARG A 191 -11.12 -2.95 0.77
C ARG A 191 -10.33 -2.50 2.01
N PRO A 192 -11.04 -2.20 3.09
CA PRO A 192 -10.36 -1.83 4.32
C PRO A 192 -9.52 -2.97 4.90
N LEU A 193 -8.42 -2.62 5.56
CA LEU A 193 -7.50 -3.57 6.14
C LEU A 193 -7.32 -3.32 7.63
N SER A 194 -7.14 -4.40 8.40
CA SER A 194 -7.08 -4.35 9.87
C SER A 194 -5.83 -4.99 10.45
N THR A 195 -5.48 -4.48 11.63
CA THR A 195 -4.41 -5.05 12.44
C THR A 195 -4.89 -5.10 13.88
N LEU A 196 -4.51 -6.14 14.60
CA LEU A 196 -4.80 -6.28 16.02
C LEU A 196 -3.55 -6.07 16.87
N ALA A 197 -3.74 -5.56 18.08
CA ALA A 197 -2.65 -5.46 19.07
C ALA A 197 -3.22 -5.72 20.45
N ASN A 198 -2.41 -6.22 21.36
CA ASN A 198 -2.85 -6.39 22.74
C ASN A 198 -2.50 -5.18 23.61
N LEU A 199 -3.40 -4.85 24.53
CA LEU A 199 -3.12 -3.91 25.61
C LEU A 199 -3.37 -4.63 26.92
N ALA A 200 -2.30 -4.81 27.70
CA ALA A 200 -2.40 -5.42 29.02
C ALA A 200 -2.63 -4.34 30.06
N ILE A 201 -3.68 -4.50 30.85
CA ILE A 201 -3.98 -3.56 31.93
C ILE A 201 -3.89 -4.33 33.24
N ILE A 202 -2.87 -4.00 34.02
CA ILE A 202 -2.60 -4.68 35.26
C ILE A 202 -3.24 -3.86 36.38
N ILE A 203 -4.06 -4.51 37.19
CA ILE A 203 -4.80 -3.83 38.26
C ILE A 203 -4.03 -3.96 39.57
N THR A 204 -3.73 -2.83 40.21
CA THR A 204 -3.16 -2.79 41.56
C THR A 204 -4.24 -3.00 42.60
N ASP A 205 -4.03 -3.98 43.47
CA ASP A 205 -4.93 -4.23 44.59
C ASP A 205 -4.79 -3.09 45.58
N MET A 206 -5.88 -2.41 45.88
CA MET A 206 -5.91 -1.38 46.91
C MET A 206 -6.54 -1.94 48.17
N GLN A 207 -6.18 -1.36 49.31
CA GLN A 207 -6.72 -1.81 50.58
C GLN A 207 -8.11 -1.20 50.72
N ASP A 208 -9.11 -1.89 50.20
CA ASP A 208 -10.44 -1.31 50.03
C ASP A 208 -11.55 -2.14 50.64
N MET A 209 -11.24 -2.86 51.71
CA MET A 209 -12.28 -3.64 52.38
C MET A 209 -13.35 -2.68 52.91
N ASP A 210 -14.63 -2.98 52.64
CA ASP A 210 -15.74 -2.20 53.19
C ASP A 210 -16.00 -2.59 54.65
CA CA B . 2.41 -1.17 -2.01
CA CA C . -0.57 1.37 -1.36
CA CA D . -4.02 0.96 4.48
CA CA E . -8.59 -4.70 47.24
CA CA F . -12.10 -4.12 45.37
CA CA G . 11.61 0.62 -42.31
C1 EDO H . 12.78 -2.03 -46.87
O1 EDO H . 13.26 -2.97 -45.91
C2 EDO H . 13.33 -0.63 -46.54
O2 EDO H . 14.77 -0.63 -46.59
C1 EDO I . 2.56 -1.76 -50.23
O1 EDO I . 3.66 -2.52 -50.74
C2 EDO I . 2.94 -0.29 -50.20
O2 EDO I . 2.72 0.24 -48.89
C1 EDO J . 8.96 8.44 -4.63
O1 EDO J . 7.74 7.68 -4.57
C2 EDO J . 9.20 8.90 -6.05
O2 EDO J . 9.26 7.77 -6.92
C1 EDO K . -7.59 12.85 35.53
O1 EDO K . -8.55 12.70 34.48
C2 EDO K . -6.25 12.28 35.09
O2 EDO K . -5.82 12.96 33.90
C1 EDO L . 1.44 9.26 -30.21
O1 EDO L . 1.11 9.95 -31.43
C2 EDO L . 2.96 9.16 -30.07
O2 EDO L . 3.54 10.46 -30.23
C1 EDO M . 0.35 -8.16 -7.11
O1 EDO M . -0.49 -8.17 -5.95
C2 EDO M . 1.27 -6.95 -7.06
O2 EDO M . 2.63 -7.37 -6.94
C1 EDO N . 1.60 -13.74 -28.97
O1 EDO N . 1.58 -15.16 -29.10
C2 EDO N . 1.27 -13.39 -27.53
O2 EDO N . 1.18 -11.97 -27.49
C1 EDO O . 2.37 4.32 21.99
O1 EDO O . 3.38 5.30 21.78
C2 EDO O . 2.37 3.82 23.42
O2 EDO O . 1.90 4.86 24.28
C1 EDO P . -3.23 8.96 17.08
O1 EDO P . -1.96 9.39 16.56
C2 EDO P . -3.05 7.60 17.72
O2 EDO P . -2.08 7.71 18.78
C1 EDO Q . -2.72 1.34 -23.40
O1 EDO Q . -2.61 0.12 -22.65
C2 EDO Q . -2.41 2.52 -22.49
O2 EDO Q . -3.24 2.44 -21.32
C1 EDO R . 16.72 5.20 -42.00
O1 EDO R . 17.01 5.40 -43.39
C2 EDO R . 17.80 4.31 -41.39
O2 EDO R . 17.77 3.00 -41.96
C1 EDO S . 7.12 8.81 -30.50
O1 EDO S . 8.27 9.68 -30.64
C2 EDO S . 6.84 8.14 -31.82
O2 EDO S . 7.86 7.16 -32.17
C1 EDO T . -20.48 -2.48 39.64
O1 EDO T . -19.89 -1.79 38.54
C2 EDO T . -21.79 -3.10 39.19
O2 EDO T . -21.91 -4.40 39.76
C1 EDO U . 1.10 -4.33 9.26
O1 EDO U . 0.74 -5.43 8.41
C2 EDO U . 0.94 -4.73 10.72
O2 EDO U . 2.20 -5.09 11.27
C1 EDO V . 6.70 8.35 18.88
O1 EDO V . 6.66 6.98 19.25
C2 EDO V . 8.12 8.74 18.52
O2 EDO V . 8.42 8.23 17.22
C1 EDO W . -14.65 -8.27 30.82
O1 EDO W . -16.05 -8.63 30.84
C2 EDO W . -13.93 -8.62 32.12
O2 EDO W . -14.13 -10.00 32.48
C1 EDO X . 18.39 -3.71 -22.20
O1 EDO X . 18.02 -2.50 -22.87
C2 EDO X . 19.41 -3.51 -21.07
O2 EDO X . 19.46 -2.13 -20.67
C1 EDO Y . 4.84 6.11 -48.08
O1 EDO Y . 5.64 6.50 -46.95
C2 EDO Y . 5.02 4.63 -48.36
O2 EDO Y . 6.36 4.40 -48.83
C1 EDO Z . -12.54 -12.03 35.54
O1 EDO Z . -13.80 -11.79 34.85
C2 EDO Z . -11.45 -11.89 34.49
O2 EDO Z . -11.54 -10.58 33.91
C1 EDO AA . -4.38 -4.41 48.95
O1 EDO AA . -4.83 -5.45 49.81
C2 EDO AA . -3.10 -3.79 49.44
O2 EDO AA . -2.69 -2.90 48.42
C1 EDO BA . -2.28 -6.50 48.29
O1 EDO BA . -1.17 -5.60 48.21
C2 EDO BA . -2.26 -7.28 49.59
O2 EDO BA . -2.91 -6.60 50.68
C1 EDO CA . -9.62 -13.54 38.24
O1 EDO CA . -9.76 -13.22 36.85
C2 EDO CA . -8.31 -14.27 38.46
O2 EDO CA . -8.35 -15.65 38.07
#